data_5V6A
#
_entry.id   5V6A
#
_cell.length_a   47.071
_cell.length_b   109.779
_cell.length_c   183.863
_cell.angle_alpha   90.00
_cell.angle_beta   90.00
_cell.angle_gamma   90.00
#
_symmetry.space_group_name_H-M   'C 2 2 21'
#
loop_
_entity.id
_entity.type
_entity.pdbx_description
1 polymer 'MERS-CoV PLpro'
2 polymer ME.2
3 non-polymer 'ZINC ION'
4 non-polymer 'CITRATE ANION'
5 non-polymer 'CHLORIDE ION'
6 water water
#
loop_
_entity_poly.entity_id
_entity_poly.type
_entity_poly.pdbx_seq_one_letter_code
_entity_poly.pdbx_strand_id
1 'polypeptide(L)'
;TQQLTIEVLVTVDGVNFRTVVLNNKNTYRSQLGCVFFNGADISDTIPDEKQNGHSLYLADNLTADETKALKELYGPVDPT
FLHRFYSLKAAVHGWKMVVCDKVRSLKLSDNNCYLNAVIMTLDLLKDIKFVIPALQHAFMKHKGGDSTDFIALIMAYGNC
TFGAPDDASRLLHTVLAKAELCCSARMVWREWCNVCGIKDVVLQGLKACCYVGVQTVEDLRARMTYVCQCGGERHRQLVE
HTTPWLLLSGTPNEKLVTTSTAPDFVAFNVFQGIETAVGHYVHARLKGGLILKFDSGTVSKTSDWKCKVTDVLFPGQKYS
SDCN
;
A
2 'polypeptide(L)'
;MAHHHHHHVTSLYKKAGSTDYKDDDDKMRIFVETLRRLTITLEVEPSDTIENVKAKIQDKEGIPPDQQRLIFFGQQLEDG
RTLSDYNIVKYSTLHLILRLPRWN
;
B
#
loop_
_chem_comp.id
_chem_comp.type
_chem_comp.name
_chem_comp.formula
CL non-polymer 'CHLORIDE ION' 'Cl -1'
FLC non-polymer 'CITRATE ANION' 'C6 H5 O7 -3'
ZN non-polymer 'ZINC ION' 'Zn 2'
#
# COMPACT_ATOMS: atom_id res chain seq x y z
N GLN A 2 48.09 2.01 12.81
CA GLN A 2 46.94 1.12 12.80
C GLN A 2 47.37 -0.34 12.96
N GLN A 3 46.99 -1.16 11.99
CA GLN A 3 47.31 -2.58 11.98
C GLN A 3 46.99 -3.17 10.61
N LEU A 4 45.78 -2.89 10.13
CA LEU A 4 45.35 -3.34 8.81
C LEU A 4 44.42 -2.29 8.21
N THR A 5 44.48 -2.15 6.89
CA THR A 5 43.66 -1.20 6.17
C THR A 5 42.94 -1.91 5.04
N ILE A 6 41.61 -1.78 5.01
CA ILE A 6 40.80 -2.38 3.96
C ILE A 6 40.04 -1.26 3.23
N GLU A 7 39.64 -1.56 2.00
CA GLU A 7 38.90 -0.61 1.17
C GLU A 7 37.64 -1.31 0.66
N VAL A 8 36.50 -0.98 1.26
CA VAL A 8 35.23 -1.55 0.88
C VAL A 8 34.51 -0.56 -0.04
N LEU A 9 33.60 -1.09 -0.85
CA LEU A 9 32.75 -0.29 -1.73
C LEU A 9 31.36 -0.18 -1.12
N VAL A 10 30.79 1.02 -1.17
CA VAL A 10 29.56 1.34 -0.47
C VAL A 10 28.52 1.80 -1.49
N THR A 11 27.30 1.28 -1.38
CA THR A 11 26.23 1.58 -2.30
C THR A 11 24.91 1.71 -1.56
N VAL A 12 24.00 2.49 -2.13
CA VAL A 12 22.61 2.55 -1.69
C VAL A 12 21.64 2.11 -2.78
N ASP A 13 22.16 1.67 -3.93
CA ASP A 13 21.31 1.30 -5.05
C ASP A 13 21.87 0.14 -5.87
N GLY A 14 22.99 -0.45 -5.45
CA GLY A 14 23.59 -1.57 -6.16
C GLY A 14 24.25 -1.22 -7.47
N VAL A 15 24.10 0.00 -7.96
CA VAL A 15 24.67 0.43 -9.24
C VAL A 15 25.87 1.36 -9.03
N ASN A 16 25.68 2.44 -8.27
CA ASN A 16 26.75 3.37 -7.97
C ASN A 16 27.43 3.00 -6.67
N PHE A 17 28.77 3.07 -6.68
CA PHE A 17 29.57 2.67 -5.53
C PHE A 17 30.60 3.75 -5.22
N ARG A 18 31.10 3.71 -3.99
CA ARG A 18 32.20 4.59 -3.57
C ARG A 18 33.10 3.82 -2.62
N THR A 19 34.40 4.08 -2.71
CA THR A 19 35.38 3.36 -1.89
C THR A 19 35.57 4.07 -0.55
N VAL A 20 35.62 3.28 0.51
CA VAL A 20 35.84 3.80 1.86
C VAL A 20 37.01 3.05 2.47
N VAL A 21 38.02 3.78 2.91
CA VAL A 21 39.17 3.22 3.60
C VAL A 21 38.85 3.13 5.08
N LEU A 22 39.03 1.94 5.66
CA LEU A 22 38.62 1.68 7.03
C LEU A 22 39.78 1.14 7.85
N ASN A 23 39.57 1.10 9.16
CA ASN A 23 40.55 0.59 10.12
C ASN A 23 40.02 -0.68 10.78
N ASN A 24 40.92 -1.36 11.49
CA ASN A 24 40.54 -2.43 12.41
C ASN A 24 40.56 -1.97 13.86
N LYS A 25 40.55 -0.65 14.09
CA LYS A 25 40.58 -0.09 15.44
C LYS A 25 39.23 0.43 15.89
N ASN A 26 38.25 0.52 15.00
CA ASN A 26 36.90 0.93 15.35
C ASN A 26 35.90 0.14 14.51
N THR A 27 34.65 0.17 14.94
CA THR A 27 33.60 -0.58 14.28
C THR A 27 33.19 0.10 12.97
N TYR A 28 32.37 -0.59 12.19
CA TYR A 28 31.84 -0.01 10.96
C TYR A 28 30.98 1.20 11.25
N ARG A 29 30.20 1.17 12.33
CA ARG A 29 29.26 2.24 12.62
C ARG A 29 29.98 3.55 12.92
N SER A 30 31.08 3.48 13.68
CA SER A 30 31.83 4.70 14.03
C SER A 30 32.62 5.24 12.85
N GLN A 31 33.15 4.36 11.99
CA GLN A 31 33.96 4.80 10.86
C GLN A 31 33.10 5.15 9.64
N LEU A 32 32.03 4.41 9.41
CA LEU A 32 31.27 4.53 8.17
C LEU A 32 29.78 4.71 8.40
N GLY A 33 29.19 3.95 9.32
CA GLY A 33 27.78 4.03 9.62
C GLY A 33 27.13 2.67 9.58
N CYS A 34 25.81 2.66 9.47
CA CYS A 34 25.05 1.42 9.42
C CYS A 34 25.22 0.77 8.05
N VAL A 35 25.86 -0.39 8.01
CA VAL A 35 26.16 -1.09 6.77
C VAL A 35 25.66 -2.53 6.88
N PHE A 36 25.17 -3.06 5.75
CA PHE A 36 24.76 -4.44 5.64
C PHE A 36 25.66 -5.17 4.67
N PHE A 37 26.01 -6.41 5.00
CA PHE A 37 26.87 -7.24 4.17
C PHE A 37 26.27 -8.62 4.05
N ASN A 38 25.93 -9.02 2.83
CA ASN A 38 25.26 -10.30 2.57
C ASN A 38 24.00 -10.45 3.41
N GLY A 39 23.23 -9.37 3.50
CA GLY A 39 21.98 -9.39 4.23
C GLY A 39 22.16 -9.58 5.71
N ALA A 40 23.09 -8.84 6.30
CA ALA A 40 23.36 -8.94 7.74
C ALA A 40 23.94 -7.63 8.23
N ASP A 41 23.41 -7.13 9.35
CA ASP A 41 23.85 -5.87 9.93
C ASP A 41 25.20 -6.10 10.61
N ILE A 42 26.28 -5.64 9.96
CA ILE A 42 27.62 -5.81 10.49
C ILE A 42 28.16 -4.46 10.97
N SER A 43 27.26 -3.56 11.35
CA SER A 43 27.67 -2.20 11.69
C SER A 43 28.53 -2.17 12.94
N ASP A 44 28.24 -3.04 13.91
CA ASP A 44 28.91 -3.02 15.20
C ASP A 44 30.07 -4.02 15.28
N THR A 45 30.58 -4.47 14.14
CA THR A 45 31.71 -5.38 14.09
C THR A 45 32.95 -4.65 13.60
N ILE A 46 34.11 -5.20 13.94
CA ILE A 46 35.38 -4.61 13.52
C ILE A 46 35.69 -5.07 12.09
N PRO A 47 36.02 -4.16 11.18
CA PRO A 47 36.33 -4.58 9.81
C PRO A 47 37.51 -5.54 9.76
N ASP A 48 37.29 -6.67 9.11
CA ASP A 48 38.31 -7.70 8.94
C ASP A 48 38.92 -7.59 7.54
N GLU A 49 40.19 -8.01 7.44
CA GLU A 49 40.86 -8.01 6.14
C GLU A 49 40.21 -8.97 5.15
N LYS A 50 39.48 -9.98 5.64
CA LYS A 50 38.79 -10.89 4.75
C LYS A 50 37.67 -10.18 3.99
N GLN A 51 37.07 -9.17 4.59
CA GLN A 51 36.03 -8.37 3.94
C GLN A 51 36.62 -7.19 3.18
N ASN A 52 37.75 -7.38 2.50
CA ASN A 52 38.50 -6.28 1.91
C ASN A 52 37.70 -5.56 0.81
N GLY A 53 37.70 -6.12 -0.39
CA GLY A 53 37.14 -5.42 -1.53
C GLY A 53 35.74 -5.81 -1.92
N HIS A 54 34.87 -6.09 -0.96
CA HIS A 54 33.49 -6.43 -1.28
CA HIS A 54 33.48 -6.44 -1.20
C HIS A 54 32.62 -5.18 -1.18
N SER A 55 31.32 -5.35 -1.39
CA SER A 55 30.36 -4.27 -1.43
C SER A 55 29.52 -4.27 -0.15
N LEU A 56 29.26 -3.07 0.37
CA LEU A 56 28.41 -2.88 1.53
C LEU A 56 27.21 -2.03 1.16
N TYR A 57 26.07 -2.34 1.78
CA TYR A 57 24.84 -1.56 1.60
C TYR A 57 24.69 -0.60 2.77
N LEU A 58 24.78 0.69 2.48
CA LEU A 58 24.75 1.72 3.50
C LEU A 58 23.31 2.12 3.82
N ALA A 59 23.05 2.45 5.09
CA ALA A 59 21.72 2.83 5.54
C ALA A 59 21.65 4.24 6.11
N ASP A 60 22.77 4.82 6.55
CA ASP A 60 22.79 6.18 7.06
C ASP A 60 24.14 6.81 6.72
N ASN A 61 24.33 8.05 7.15
CA ASN A 61 25.56 8.81 6.85
C ASN A 61 25.81 8.87 5.35
N LEU A 62 24.75 9.12 4.58
CA LEU A 62 24.88 9.17 3.13
C LEU A 62 25.56 10.45 2.69
N THR A 63 26.28 10.37 1.58
CA THR A 63 26.84 11.57 0.96
C THR A 63 25.76 12.28 0.15
N ALA A 64 26.12 13.46 -0.37
CA ALA A 64 25.16 14.26 -1.11
C ALA A 64 24.65 13.53 -2.35
N ASP A 65 25.55 12.84 -3.06
CA ASP A 65 25.15 12.10 -4.26
C ASP A 65 24.41 10.81 -3.91
N GLU A 66 24.69 10.22 -2.74
CA GLU A 66 23.99 8.99 -2.37
C GLU A 66 22.54 9.27 -1.98
N THR A 67 22.25 10.45 -1.43
CA THR A 67 20.86 10.82 -1.20
C THR A 67 20.14 11.11 -2.51
N LYS A 68 20.86 11.64 -3.50
CA LYS A 68 20.27 11.82 -4.82
C LYS A 68 19.98 10.46 -5.46
N ALA A 69 20.90 9.50 -5.32
CA ALA A 69 20.64 8.15 -5.81
C ALA A 69 19.55 7.47 -4.98
N LEU A 70 19.45 7.81 -3.69
CA LEU A 70 18.42 7.22 -2.85
C LEU A 70 17.03 7.68 -3.28
N LYS A 71 16.89 8.97 -3.61
CA LYS A 71 15.60 9.50 -4.02
C LYS A 71 15.23 9.06 -5.43
N GLU A 72 16.22 8.91 -6.32
CA GLU A 72 15.92 8.47 -7.67
C GLU A 72 15.49 7.02 -7.72
N LEU A 73 15.87 6.21 -6.73
CA LEU A 73 15.49 4.81 -6.71
C LEU A 73 14.23 4.55 -5.89
N TYR A 74 14.08 5.22 -4.74
CA TYR A 74 12.97 4.98 -3.84
C TYR A 74 11.97 6.11 -3.77
N GLY A 75 12.36 7.33 -4.12
CA GLY A 75 11.50 8.49 -3.95
C GLY A 75 11.76 9.17 -2.64
N PRO A 76 11.02 10.23 -2.35
CA PRO A 76 11.20 10.93 -1.06
C PRO A 76 10.79 10.05 0.12
N VAL A 77 11.77 9.41 0.76
CA VAL A 77 11.52 8.49 1.85
C VAL A 77 11.92 9.15 3.16
N ASP A 78 11.47 8.54 4.26
CA ASP A 78 11.74 9.06 5.59
C ASP A 78 13.16 8.68 6.03
N PRO A 79 13.72 9.36 7.02
CA PRO A 79 15.13 9.09 7.41
C PRO A 79 15.37 7.67 7.89
N THR A 80 14.34 6.94 8.32
CA THR A 80 14.50 5.58 8.81
C THR A 80 14.17 4.53 7.74
N PHE A 81 13.91 4.96 6.51
CA PHE A 81 13.42 4.04 5.49
C PHE A 81 14.46 2.97 5.15
N LEU A 82 15.68 3.39 4.85
CA LEU A 82 16.69 2.45 4.36
C LEU A 82 17.07 1.44 5.43
N HIS A 83 17.13 1.86 6.70
CA HIS A 83 17.45 0.92 7.77
C HIS A 83 16.31 -0.06 7.99
N ARG A 84 15.06 0.41 7.88
CA ARG A 84 13.93 -0.49 8.04
C ARG A 84 13.83 -1.47 6.87
N PHE A 85 14.09 -0.99 5.65
CA PHE A 85 14.01 -1.87 4.48
C PHE A 85 15.09 -2.96 4.54
N TYR A 86 16.30 -2.61 4.94
CA TYR A 86 17.35 -3.62 5.07
C TYR A 86 17.02 -4.62 6.17
N SER A 87 16.48 -4.12 7.30
CA SER A 87 16.12 -5.02 8.40
C SER A 87 14.98 -5.93 8.00
N LEU A 88 13.97 -5.41 7.31
CA LEU A 88 12.85 -6.23 6.87
C LEU A 88 13.30 -7.27 5.84
N LYS A 89 14.20 -6.88 4.93
CA LYS A 89 14.65 -7.80 3.89
C LYS A 89 15.37 -9.01 4.48
N ALA A 90 16.01 -8.84 5.64
CA ALA A 90 16.66 -9.97 6.28
C ALA A 90 15.66 -10.88 6.99
N ALA A 91 14.65 -10.28 7.64
CA ALA A 91 13.68 -11.08 8.38
C ALA A 91 12.70 -11.79 7.46
N VAL A 92 12.34 -11.15 6.35
CA VAL A 92 11.47 -11.77 5.35
C VAL A 92 12.13 -12.98 4.69
N HIS A 93 13.48 -13.02 4.66
CA HIS A 93 14.16 -14.16 4.05
C HIS A 93 13.78 -15.48 4.70
N GLY A 94 13.37 -15.45 5.97
CA GLY A 94 12.89 -16.66 6.63
C GLY A 94 11.54 -17.15 6.17
N TRP A 95 10.78 -16.31 5.46
CA TRP A 95 9.46 -16.70 4.99
C TRP A 95 9.58 -17.61 3.77
N LYS A 96 8.42 -18.08 3.29
CA LYS A 96 8.37 -19.03 2.19
C LYS A 96 7.19 -18.70 1.29
N MET A 97 7.45 -18.63 -0.02
CA MET A 97 6.44 -18.28 -1.02
C MET A 97 6.12 -19.55 -1.81
N VAL A 98 5.00 -20.19 -1.49
CA VAL A 98 4.59 -21.41 -2.17
C VAL A 98 3.86 -21.04 -3.46
N VAL A 99 3.93 -21.95 -4.44
CA VAL A 99 3.29 -21.75 -5.74
C VAL A 99 2.51 -23.03 -6.05
N CYS A 100 1.22 -23.02 -5.70
CA CYS A 100 0.35 -24.19 -5.91
C CYS A 100 -0.45 -23.96 -7.19
N ASP A 101 -0.20 -24.77 -8.21
CA ASP A 101 -0.87 -24.66 -9.50
C ASP A 101 -0.67 -23.27 -10.11
N LYS A 102 0.56 -22.79 -10.05
CA LYS A 102 1.01 -21.58 -10.74
C LYS A 102 0.42 -20.30 -10.18
N VAL A 103 -0.08 -20.31 -8.94
CA VAL A 103 -0.48 -19.10 -8.24
C VAL A 103 0.29 -19.04 -6.93
N ARG A 104 0.91 -17.89 -6.67
CA ARG A 104 1.78 -17.74 -5.51
C ARG A 104 0.97 -17.40 -4.25
N SER A 105 1.45 -17.91 -3.13
CA SER A 105 0.85 -17.63 -1.83
C SER A 105 1.95 -17.60 -0.78
N LEU A 106 1.76 -16.75 0.23
CA LEU A 106 2.74 -16.57 1.29
C LEU A 106 2.36 -17.44 2.48
N LYS A 107 3.25 -18.36 2.84
CA LYS A 107 3.03 -19.20 4.02
C LYS A 107 2.90 -18.32 5.26
N LEU A 108 2.06 -18.78 6.19
CA LEU A 108 1.80 -18.01 7.40
C LEU A 108 3.02 -17.99 8.31
N SER A 109 3.44 -16.79 8.72
CA SER A 109 4.58 -16.62 9.61
C SER A 109 4.62 -15.19 10.14
N ASP A 110 4.73 -15.04 11.46
CA ASP A 110 4.86 -13.72 12.09
C ASP A 110 3.69 -12.80 11.74
N ASN A 111 2.49 -13.40 11.65
CA ASN A 111 1.26 -12.65 11.37
C ASN A 111 1.33 -11.92 10.03
N ASN A 112 1.86 -12.60 9.01
CA ASN A 112 1.97 -12.02 7.68
C ASN A 112 0.77 -12.32 6.80
N CYS A 113 -0.35 -12.75 7.39
CA CYS A 113 -1.52 -13.11 6.59
C CYS A 113 -2.07 -11.90 5.84
N TYR A 114 -1.91 -10.69 6.39
CA TYR A 114 -2.33 -9.50 5.67
C TYR A 114 -1.48 -9.27 4.42
N LEU A 115 -0.20 -9.66 4.47
CA LEU A 115 0.64 -9.56 3.28
C LEU A 115 0.23 -10.58 2.23
N ASN A 116 -0.33 -11.72 2.65
CA ASN A 116 -0.81 -12.70 1.69
C ASN A 116 -1.97 -12.15 0.87
N ALA A 117 -2.93 -11.49 1.53
CA ALA A 117 -4.05 -10.91 0.80
C ALA A 117 -3.59 -9.78 -0.11
N VAL A 118 -2.62 -8.99 0.33
CA VAL A 118 -2.12 -7.90 -0.50
C VAL A 118 -1.42 -8.44 -1.74
N ILE A 119 -0.51 -9.38 -1.56
CA ILE A 119 0.27 -9.92 -2.68
C ILE A 119 -0.64 -10.64 -3.66
N MET A 120 -1.48 -11.56 -3.15
CA MET A 120 -2.34 -12.34 -4.03
C MET A 120 -3.37 -11.48 -4.76
N THR A 121 -3.70 -10.30 -4.23
CA THR A 121 -4.57 -9.40 -4.97
C THR A 121 -3.79 -8.62 -6.03
N LEU A 122 -2.56 -8.21 -5.71
CA LEU A 122 -1.72 -7.54 -6.69
C LEU A 122 -1.41 -8.43 -7.88
N ASP A 123 -1.34 -9.74 -7.66
CA ASP A 123 -1.03 -10.66 -8.76
C ASP A 123 -2.13 -10.66 -9.82
N LEU A 124 -3.35 -10.32 -9.44
CA LEU A 124 -4.49 -10.33 -10.35
C LEU A 124 -4.65 -9.02 -11.11
N LEU A 125 -4.03 -7.94 -10.66
CA LEU A 125 -4.18 -6.62 -11.28
C LEU A 125 -3.35 -6.57 -12.55
N LYS A 126 -4.01 -6.68 -13.69
CA LYS A 126 -3.32 -6.67 -14.98
C LYS A 126 -2.95 -5.25 -15.39
N ASP A 127 -1.85 -5.15 -16.14
CA ASP A 127 -1.40 -3.91 -16.76
C ASP A 127 -1.06 -2.82 -15.74
N ILE A 128 -0.62 -3.21 -14.54
CA ILE A 128 -0.16 -2.27 -13.54
C ILE A 128 1.36 -2.23 -13.56
N LYS A 129 1.92 -1.06 -13.26
CA LYS A 129 3.35 -0.87 -13.20
C LYS A 129 3.66 0.23 -12.21
N PHE A 130 4.67 0.00 -11.37
CA PHE A 130 5.00 0.95 -10.32
C PHE A 130 5.89 2.06 -10.87
N VAL A 131 5.59 3.30 -10.47
CA VAL A 131 6.35 4.45 -10.92
C VAL A 131 7.63 4.68 -10.13
N ILE A 132 7.84 3.92 -9.05
CA ILE A 132 9.08 3.98 -8.28
C ILE A 132 9.97 2.84 -8.78
N PRO A 133 11.20 3.13 -9.21
CA PRO A 133 12.05 2.06 -9.78
C PRO A 133 12.29 0.90 -8.82
N ALA A 134 12.56 1.19 -7.54
CA ALA A 134 12.80 0.10 -6.59
C ALA A 134 11.57 -0.79 -6.45
N LEU A 135 10.38 -0.19 -6.44
CA LEU A 135 9.16 -0.98 -6.37
C LEU A 135 8.97 -1.82 -7.63
N GLN A 136 9.16 -1.21 -8.80
CA GLN A 136 9.00 -1.94 -10.05
C GLN A 136 10.07 -3.03 -10.19
N HIS A 137 11.30 -2.74 -9.76
CA HIS A 137 12.36 -3.74 -9.79
C HIS A 137 12.01 -4.91 -8.88
N ALA A 138 11.55 -4.63 -7.66
CA ALA A 138 11.16 -5.69 -6.75
C ALA A 138 9.89 -6.39 -7.23
N PHE A 139 9.04 -5.69 -7.98
CA PHE A 139 7.81 -6.31 -8.49
C PHE A 139 8.12 -7.31 -9.58
N MET A 140 9.09 -7.00 -10.45
CA MET A 140 9.48 -7.94 -11.49
C MET A 140 10.15 -9.17 -10.89
N LYS A 141 11.04 -8.96 -9.91
CA LYS A 141 11.66 -10.08 -9.23
C LYS A 141 10.61 -10.91 -8.49
N HIS A 142 9.56 -10.27 -7.99
CA HIS A 142 8.47 -11.00 -7.37
C HIS A 142 7.74 -11.87 -8.39
N LYS A 143 7.39 -11.29 -9.54
CA LYS A 143 6.74 -12.05 -10.60
C LYS A 143 7.68 -13.02 -11.29
N GLY A 144 8.95 -13.06 -10.89
CA GLY A 144 9.90 -13.99 -11.48
C GLY A 144 10.27 -15.13 -10.55
N GLY A 145 9.86 -15.03 -9.28
CA GLY A 145 10.09 -16.08 -8.31
C GLY A 145 10.81 -15.65 -7.05
N ASP A 146 11.15 -14.37 -6.88
CA ASP A 146 11.87 -13.90 -5.70
C ASP A 146 11.11 -12.70 -5.14
N SER A 147 10.30 -12.94 -4.11
CA SER A 147 9.38 -11.93 -3.59
C SER A 147 9.89 -11.23 -2.32
N THR A 148 11.05 -11.65 -1.80
CA THR A 148 11.52 -11.07 -0.54
C THR A 148 11.78 -9.56 -0.68
N ASP A 149 12.27 -9.13 -1.85
CA ASP A 149 12.48 -7.71 -2.09
C ASP A 149 11.16 -6.94 -2.08
N PHE A 150 10.14 -7.48 -2.75
CA PHE A 150 8.87 -6.78 -2.85
C PHE A 150 8.11 -6.81 -1.53
N ILE A 151 8.19 -7.92 -0.79
CA ILE A 151 7.52 -8.02 0.49
C ILE A 151 8.10 -7.01 1.46
N ALA A 152 9.43 -6.95 1.55
CA ALA A 152 10.07 -6.01 2.48
C ALA A 152 9.87 -4.56 2.05
N LEU A 153 9.83 -4.30 0.75
CA LEU A 153 9.66 -2.92 0.28
C LEU A 153 8.29 -2.38 0.65
N ILE A 154 7.22 -3.14 0.40
CA ILE A 154 5.89 -2.66 0.70
C ILE A 154 5.68 -2.53 2.21
N MET A 155 6.40 -3.34 3.00
CA MET A 155 6.36 -3.15 4.45
C MET A 155 7.11 -1.90 4.87
N ALA A 156 8.15 -1.52 4.13
CA ALA A 156 8.89 -0.29 4.45
C ALA A 156 8.08 0.94 4.05
N TYR A 157 7.46 0.91 2.86
CA TYR A 157 6.64 2.04 2.44
C TYR A 157 5.38 2.14 3.30
N GLY A 158 4.76 1.01 3.63
CA GLY A 158 3.58 0.99 4.47
C GLY A 158 3.83 1.13 5.95
N ASN A 159 5.09 1.24 6.37
CA ASN A 159 5.46 1.40 7.77
C ASN A 159 4.93 0.24 8.62
N CYS A 160 5.17 -0.98 8.14
CA CYS A 160 4.75 -2.19 8.84
C CYS A 160 5.87 -2.71 9.72
N THR A 161 5.49 -3.26 10.86
CA THR A 161 6.43 -3.83 11.82
C THR A 161 6.43 -5.34 11.68
N PHE A 162 7.64 -5.92 11.61
CA PHE A 162 7.77 -7.36 11.48
C PHE A 162 7.19 -8.07 12.70
N GLY A 163 6.42 -9.13 12.46
CA GLY A 163 5.78 -9.88 13.52
C GLY A 163 4.48 -9.31 14.03
N ALA A 164 4.14 -8.06 13.68
CA ALA A 164 2.90 -7.44 14.14
C ALA A 164 1.83 -7.49 13.07
N PRO A 165 0.59 -7.79 13.45
CA PRO A 165 -0.49 -7.79 12.46
C PRO A 165 -0.82 -6.37 12.00
N ASP A 166 -1.27 -6.27 10.76
CA ASP A 166 -1.50 -4.97 10.14
C ASP A 166 -2.77 -5.04 9.30
N ASP A 167 -3.00 -3.99 8.52
CA ASP A 167 -4.22 -3.83 7.72
C ASP A 167 -3.90 -4.16 6.27
N ALA A 168 -4.61 -5.15 5.72
CA ALA A 168 -4.38 -5.53 4.33
C ALA A 168 -4.97 -4.52 3.36
N SER A 169 -6.13 -3.96 3.69
CA SER A 169 -6.73 -2.95 2.81
C SER A 169 -5.94 -1.66 2.83
N ARG A 170 -5.38 -1.30 3.98
CA ARG A 170 -4.55 -0.10 4.05
C ARG A 170 -3.29 -0.25 3.22
N LEU A 171 -2.59 -1.38 3.36
CA LEU A 171 -1.34 -1.58 2.63
C LEU A 171 -1.60 -1.73 1.14
N LEU A 172 -2.71 -2.38 0.76
CA LEU A 172 -3.01 -2.60 -0.65
C LEU A 172 -3.16 -1.28 -1.39
N HIS A 173 -3.81 -0.30 -0.77
CA HIS A 173 -4.01 0.99 -1.43
C HIS A 173 -2.81 1.91 -1.27
N THR A 174 -2.04 1.76 -0.19
CA THR A 174 -0.78 2.48 -0.08
C THR A 174 0.19 2.05 -1.17
N VAL A 175 0.22 0.75 -1.47
CA VAL A 175 1.09 0.23 -2.52
C VAL A 175 0.60 0.71 -3.89
N LEU A 176 -0.72 0.65 -4.13
CA LEU A 176 -1.26 1.09 -5.41
C LEU A 176 -1.09 2.58 -5.62
N ALA A 177 -0.92 3.35 -4.56
CA ALA A 177 -0.72 4.79 -4.71
C ALA A 177 0.57 5.12 -5.46
N LYS A 178 1.53 4.20 -5.47
CA LYS A 178 2.79 4.37 -6.18
C LYS A 178 2.83 3.59 -7.49
N ALA A 179 1.67 3.35 -8.10
CA ALA A 179 1.58 2.58 -9.33
C ALA A 179 0.73 3.32 -10.35
N GLU A 180 0.87 2.91 -11.61
CA GLU A 180 0.07 3.45 -12.70
C GLU A 180 -0.42 2.29 -13.56
N LEU A 181 -1.46 2.55 -14.33
CA LEU A 181 -2.06 1.56 -15.20
C LEU A 181 -1.49 1.71 -16.61
N CYS A 182 -1.24 0.57 -17.26
CA CYS A 182 -0.66 0.54 -18.59
C CYS A 182 -1.71 0.33 -19.68
N CYS A 183 -2.95 0.72 -19.42
CA CYS A 183 -4.01 0.63 -20.41
C CYS A 183 -5.05 1.69 -20.10
N SER A 184 -5.97 1.89 -21.05
CA SER A 184 -6.98 2.92 -20.91
C SER A 184 -8.00 2.55 -19.84
N ALA A 185 -8.39 3.54 -19.04
CA ALA A 185 -9.40 3.34 -18.01
C ALA A 185 -9.97 4.70 -17.64
N ARG A 186 -11.30 4.80 -17.60
CA ARG A 186 -11.97 6.05 -17.29
C ARG A 186 -13.17 5.80 -16.39
N MET A 187 -13.49 6.81 -15.57
CA MET A 187 -14.74 6.84 -14.83
C MET A 187 -15.17 8.30 -14.73
N VAL A 188 -16.46 8.55 -14.97
CA VAL A 188 -17.00 9.90 -15.04
C VAL A 188 -18.07 10.03 -13.97
N TRP A 189 -17.86 10.95 -13.03
CA TRP A 189 -18.82 11.25 -11.98
C TRP A 189 -19.60 12.51 -12.36
N ARG A 190 -20.92 12.39 -12.43
CA ARG A 190 -21.76 13.55 -12.71
C ARG A 190 -22.09 14.23 -11.39
N GLU A 191 -21.56 15.42 -11.18
CA GLU A 191 -21.85 16.20 -10.00
C GLU A 191 -22.80 17.33 -10.34
N TRP A 192 -23.67 17.67 -9.40
CA TRP A 192 -24.61 18.76 -9.62
C TRP A 192 -25.13 19.28 -8.31
N CYS A 193 -25.24 20.60 -8.23
CA CYS A 193 -25.90 21.27 -7.13
C CYS A 193 -26.98 22.16 -7.71
N ASN A 194 -28.09 22.29 -6.98
CA ASN A 194 -29.22 23.07 -7.48
C ASN A 194 -28.91 24.56 -7.60
N VAL A 195 -27.79 25.03 -7.04
CA VAL A 195 -27.41 26.43 -7.13
C VAL A 195 -26.34 26.61 -8.19
N CYS A 196 -25.18 26.01 -7.97
CA CYS A 196 -24.05 26.18 -8.89
C CYS A 196 -24.35 25.56 -10.25
N GLY A 197 -24.81 24.31 -10.27
CA GLY A 197 -25.16 23.64 -11.50
C GLY A 197 -24.51 22.29 -11.59
N ILE A 198 -24.49 21.75 -12.81
CA ILE A 198 -23.99 20.41 -13.10
C ILE A 198 -22.56 20.52 -13.61
N LYS A 199 -21.70 19.61 -13.15
CA LYS A 199 -20.30 19.61 -13.57
C LYS A 199 -19.77 18.18 -13.56
N ASP A 200 -19.07 17.80 -14.62
CA ASP A 200 -18.49 16.47 -14.75
C ASP A 200 -17.03 16.48 -14.33
N VAL A 201 -16.62 15.43 -13.62
CA VAL A 201 -15.22 15.19 -13.30
C VAL A 201 -14.82 13.84 -13.89
N VAL A 202 -13.58 13.75 -14.33
CA VAL A 202 -13.08 12.57 -15.02
C VAL A 202 -11.80 12.10 -14.33
N LEU A 203 -11.78 10.82 -13.94
CA LEU A 203 -10.58 10.17 -13.44
C LEU A 203 -10.12 9.14 -14.46
N GLN A 204 -8.84 9.17 -14.79
CA GLN A 204 -8.27 8.28 -15.79
C GLN A 204 -7.14 7.46 -15.17
N GLY A 205 -6.91 6.28 -15.74
CA GLY A 205 -5.82 5.43 -15.31
C GLY A 205 -6.14 4.56 -14.13
N LEU A 206 -5.21 4.49 -13.17
CA LEU A 206 -5.36 3.59 -12.04
C LEU A 206 -6.42 4.07 -11.06
N LYS A 207 -6.58 5.39 -10.91
CA LYS A 207 -7.58 5.92 -10.00
C LYS A 207 -9.00 5.62 -10.45
N ALA A 208 -9.20 5.32 -11.73
CA ALA A 208 -10.51 4.94 -12.25
C ALA A 208 -10.82 3.46 -12.09
N CYS A 209 -9.97 2.72 -11.36
CA CYS A 209 -10.17 1.30 -11.15
C CYS A 209 -10.26 0.92 -9.69
N CYS A 210 -10.09 1.86 -8.76
CA CYS A 210 -10.07 1.58 -7.34
C CYS A 210 -10.98 2.57 -6.61
N TYR A 211 -11.77 2.05 -5.67
CA TYR A 211 -12.64 2.88 -4.85
C TYR A 211 -12.71 2.29 -3.45
N VAL A 212 -12.49 3.14 -2.45
CA VAL A 212 -12.59 2.75 -1.05
C VAL A 212 -13.88 3.33 -0.49
N GLY A 213 -14.75 2.45 0.00
CA GLY A 213 -16.01 2.88 0.57
C GLY A 213 -17.17 1.95 0.25
N VAL A 214 -17.17 1.40 -0.96
CA VAL A 214 -18.21 0.48 -1.39
C VAL A 214 -17.57 -0.88 -1.67
N GLN A 215 -18.41 -1.91 -1.67
CA GLN A 215 -17.95 -3.28 -1.93
C GLN A 215 -18.74 -3.97 -3.04
N THR A 216 -19.79 -3.34 -3.56
CA THR A 216 -20.53 -3.87 -4.69
C THR A 216 -20.60 -2.81 -5.78
N VAL A 217 -20.76 -3.26 -7.03
CA VAL A 217 -20.88 -2.32 -8.13
C VAL A 217 -22.15 -1.50 -8.00
N GLU A 218 -23.25 -2.14 -7.55
CA GLU A 218 -24.51 -1.43 -7.37
C GLU A 218 -24.38 -0.30 -6.38
N ASP A 219 -23.53 -0.46 -5.35
CA ASP A 219 -23.28 0.63 -4.42
C ASP A 219 -22.37 1.70 -5.01
N LEU A 220 -21.60 1.38 -6.05
CA LEU A 220 -20.70 2.36 -6.63
C LEU A 220 -21.46 3.37 -7.49
N ARG A 221 -22.36 2.88 -8.34
CA ARG A 221 -23.16 3.78 -9.19
C ARG A 221 -24.31 4.43 -8.43
N ALA A 222 -24.51 4.10 -7.16
CA ALA A 222 -25.58 4.72 -6.39
C ALA A 222 -25.32 6.21 -6.21
N ARG A 223 -26.40 6.98 -6.16
CA ARG A 223 -26.28 8.43 -6.02
C ARG A 223 -25.79 8.78 -4.63
N MET A 224 -24.78 9.65 -4.58
CA MET A 224 -24.17 10.08 -3.32
C MET A 224 -24.46 11.55 -3.08
N THR A 225 -24.57 11.91 -1.81
CA THR A 225 -24.92 13.27 -1.39
C THR A 225 -23.85 13.81 -0.45
N TYR A 226 -23.39 15.02 -0.72
CA TYR A 226 -22.45 15.72 0.15
C TYR A 226 -22.71 17.22 0.02
N VAL A 227 -21.86 18.02 0.66
CA VAL A 227 -22.04 19.47 0.73
C VAL A 227 -21.16 20.12 -0.33
N CYS A 228 -21.74 21.05 -1.09
CA CYS A 228 -21.04 21.75 -2.15
C CYS A 228 -20.15 22.84 -1.59
N GLN A 229 -19.32 23.43 -2.46
CA GLN A 229 -18.46 24.53 -2.03
C GLN A 229 -19.26 25.75 -1.64
N CYS A 230 -20.43 25.95 -2.25
CA CYS A 230 -21.30 27.06 -1.90
C CYS A 230 -21.99 26.86 -0.56
N GLY A 231 -21.87 25.68 0.04
CA GLY A 231 -22.53 25.37 1.29
C GLY A 231 -23.84 24.63 1.17
N GLY A 232 -24.29 24.35 -0.06
CA GLY A 232 -25.55 23.67 -0.27
C GLY A 232 -25.37 22.18 -0.54
N GLU A 233 -26.50 21.51 -0.74
CA GLU A 233 -26.51 20.09 -1.00
C GLU A 233 -25.97 19.79 -2.39
N ARG A 234 -24.99 18.89 -2.48
CA ARG A 234 -24.38 18.50 -3.73
C ARG A 234 -24.50 16.99 -3.92
N HIS A 235 -24.89 16.59 -5.12
CA HIS A 235 -25.09 15.18 -5.45
C HIS A 235 -23.97 14.70 -6.37
N ARG A 236 -23.93 13.38 -6.57
CA ARG A 236 -22.86 12.77 -7.34
C ARG A 236 -23.30 11.36 -7.74
N GLN A 237 -22.96 10.96 -8.97
CA GLN A 237 -23.34 9.65 -9.47
C GLN A 237 -22.43 9.28 -10.64
N LEU A 238 -22.09 8.00 -10.74
CA LEU A 238 -21.27 7.51 -11.82
C LEU A 238 -22.11 7.36 -13.08
N VAL A 239 -21.64 7.96 -14.18
CA VAL A 239 -22.38 7.96 -15.44
C VAL A 239 -21.59 7.38 -16.60
N GLU A 240 -20.33 7.00 -16.37
CA GLU A 240 -19.51 6.37 -17.40
C GLU A 240 -18.35 5.66 -16.72
N HIS A 241 -18.07 4.43 -17.15
CA HIS A 241 -17.06 3.63 -16.46
C HIS A 241 -16.53 2.57 -17.44
N THR A 242 -15.33 2.80 -17.95
CA THR A 242 -14.60 1.80 -18.73
C THR A 242 -13.30 1.50 -17.99
N THR A 243 -13.05 0.21 -17.73
CA THR A 243 -11.93 -0.18 -16.91
C THR A 243 -11.56 -1.63 -17.23
N PRO A 244 -10.32 -2.05 -16.95
CA PRO A 244 -9.95 -3.46 -17.16
C PRO A 244 -10.31 -4.34 -15.97
N TRP A 245 -10.41 -3.72 -14.79
CA TRP A 245 -10.76 -4.42 -13.56
C TRP A 245 -11.12 -3.37 -12.52
N LEU A 246 -11.95 -3.75 -11.56
CA LEU A 246 -12.43 -2.85 -10.52
C LEU A 246 -12.11 -3.45 -9.16
N LEU A 247 -11.40 -2.69 -8.33
CA LEU A 247 -11.08 -3.08 -6.95
C LEU A 247 -11.91 -2.21 -6.01
N LEU A 248 -12.87 -2.84 -5.32
CA LEU A 248 -13.72 -2.16 -4.36
C LEU A 248 -13.33 -2.61 -2.95
N SER A 249 -12.96 -1.65 -2.11
CA SER A 249 -12.52 -1.93 -0.75
C SER A 249 -13.48 -1.30 0.25
N GLY A 250 -13.82 -2.06 1.29
CA GLY A 250 -14.63 -1.56 2.37
C GLY A 250 -14.25 -2.24 3.66
N THR A 251 -14.76 -1.70 4.76
CA THR A 251 -14.52 -2.31 6.06
C THR A 251 -15.08 -3.74 6.08
N PRO A 252 -14.52 -4.61 6.93
CA PRO A 252 -15.00 -6.00 6.99
C PRO A 252 -16.50 -6.09 7.22
N ASN A 253 -17.20 -6.68 6.25
CA ASN A 253 -18.66 -6.71 6.23
C ASN A 253 -19.13 -8.13 5.99
N GLU A 254 -20.06 -8.59 6.82
CA GLU A 254 -20.56 -9.96 6.72
C GLU A 254 -21.37 -10.14 5.44
N LYS A 255 -21.05 -11.19 4.68
CA LYS A 255 -21.76 -11.49 3.45
C LYS A 255 -21.70 -12.99 3.19
N LEU A 256 -22.73 -13.51 2.53
CA LEU A 256 -22.83 -14.93 2.23
C LEU A 256 -22.42 -15.13 0.77
N VAL A 257 -21.12 -15.27 0.55
CA VAL A 257 -20.60 -15.52 -0.79
C VAL A 257 -20.97 -16.95 -1.19
N THR A 258 -21.73 -17.09 -2.27
CA THR A 258 -22.22 -18.39 -2.70
C THR A 258 -22.03 -18.54 -4.20
N THR A 259 -21.81 -19.79 -4.61
CA THR A 259 -21.74 -20.14 -6.03
C THR A 259 -23.09 -20.51 -6.61
N SER A 260 -24.19 -20.11 -5.97
CA SER A 260 -25.50 -20.48 -6.50
C SER A 260 -25.96 -19.50 -7.58
N THR A 261 -25.78 -18.20 -7.35
CA THR A 261 -26.17 -17.17 -8.28
C THR A 261 -25.05 -16.80 -9.26
N ALA A 262 -23.88 -17.42 -9.15
CA ALA A 262 -22.72 -17.11 -9.98
C ALA A 262 -22.38 -15.63 -9.85
N PRO A 263 -21.67 -15.22 -8.81
CA PRO A 263 -21.37 -13.80 -8.62
C PRO A 263 -20.48 -13.26 -9.71
N ASP A 264 -20.54 -11.94 -9.90
CA ASP A 264 -19.82 -11.30 -10.99
C ASP A 264 -18.38 -10.99 -10.67
N PHE A 265 -18.03 -10.86 -9.40
CA PHE A 265 -16.65 -10.57 -9.04
C PHE A 265 -15.77 -11.81 -9.18
N VAL A 266 -14.47 -11.59 -9.34
CA VAL A 266 -13.54 -12.67 -9.59
C VAL A 266 -12.69 -13.03 -8.38
N ALA A 267 -12.54 -12.13 -7.42
CA ALA A 267 -11.74 -12.38 -6.23
C ALA A 267 -12.12 -11.40 -5.14
N PHE A 268 -11.80 -11.76 -3.90
CA PHE A 268 -12.13 -10.92 -2.76
C PHE A 268 -11.29 -11.35 -1.56
N ASN A 269 -11.06 -10.41 -0.66
CA ASN A 269 -10.32 -10.66 0.57
C ASN A 269 -11.30 -10.79 1.74
N VAL A 270 -10.86 -11.53 2.77
CA VAL A 270 -11.69 -11.85 3.92
C VAL A 270 -10.91 -11.56 5.19
N PHE A 271 -11.57 -10.94 6.17
CA PHE A 271 -11.01 -10.67 7.48
C PHE A 271 -11.76 -11.54 8.49
N GLN A 272 -11.08 -12.54 9.03
CA GLN A 272 -11.67 -13.46 9.99
C GLN A 272 -11.25 -13.09 11.41
N GLY A 273 -12.22 -13.12 12.32
CA GLY A 273 -11.99 -12.80 13.71
C GLY A 273 -12.67 -11.49 14.11
N ILE A 274 -12.28 -11.01 15.27
CA ILE A 274 -12.80 -9.75 15.80
C ILE A 274 -11.92 -8.60 15.30
N GLU A 275 -12.53 -7.43 15.12
CA GLU A 275 -11.79 -6.28 14.60
C GLU A 275 -10.90 -5.66 15.66
N THR A 276 -11.42 -5.51 16.89
CA THR A 276 -10.61 -4.95 17.97
C THR A 276 -9.49 -5.88 18.41
N ALA A 277 -9.60 -7.18 18.09
CA ALA A 277 -8.59 -8.16 18.43
C ALA A 277 -7.81 -8.56 17.18
N VAL A 278 -6.82 -9.42 17.36
CA VAL A 278 -6.02 -9.89 16.24
C VAL A 278 -6.84 -10.81 15.37
N GLY A 279 -6.89 -10.52 14.07
CA GLY A 279 -7.65 -11.30 13.12
C GLY A 279 -6.75 -11.96 12.09
N HIS A 280 -7.37 -12.79 11.26
CA HIS A 280 -6.66 -13.55 10.23
C HIS A 280 -7.25 -13.21 8.87
N TYR A 281 -6.38 -12.83 7.94
CA TYR A 281 -6.79 -12.52 6.58
C TYR A 281 -6.72 -13.77 5.70
N VAL A 282 -7.67 -13.88 4.77
CA VAL A 282 -7.73 -14.99 3.82
C VAL A 282 -8.04 -14.42 2.45
N HIS A 283 -7.27 -14.83 1.45
CA HIS A 283 -7.52 -14.45 0.06
C HIS A 283 -8.35 -15.52 -0.62
N ALA A 284 -9.29 -15.10 -1.46
CA ALA A 284 -10.20 -16.02 -2.12
C ALA A 284 -10.35 -15.65 -3.58
N ARG A 285 -10.43 -16.67 -4.44
CA ARG A 285 -10.66 -16.50 -5.86
C ARG A 285 -11.76 -17.45 -6.31
N LEU A 286 -12.39 -17.12 -7.43
CA LEU A 286 -13.54 -17.86 -7.95
C LEU A 286 -13.12 -18.54 -9.25
N LYS A 287 -12.59 -19.76 -9.12
CA LYS A 287 -12.18 -20.58 -10.26
C LYS A 287 -13.23 -21.66 -10.50
N GLY A 288 -13.53 -21.90 -11.78
CA GLY A 288 -14.52 -22.89 -12.14
C GLY A 288 -15.91 -22.57 -11.64
N GLY A 289 -16.32 -23.23 -10.56
CA GLY A 289 -17.63 -22.98 -9.98
C GLY A 289 -17.62 -23.06 -8.47
N LEU A 290 -16.46 -22.84 -7.87
CA LEU A 290 -16.31 -22.91 -6.42
C LEU A 290 -15.39 -21.79 -5.95
N ILE A 291 -15.39 -21.56 -4.64
CA ILE A 291 -14.54 -20.56 -4.03
C ILE A 291 -13.23 -21.20 -3.62
N LEU A 292 -12.12 -20.61 -4.04
CA LEU A 292 -10.78 -21.11 -3.71
C LEU A 292 -10.20 -20.21 -2.62
N LYS A 293 -10.23 -20.70 -1.38
CA LYS A 293 -9.76 -19.94 -0.23
C LYS A 293 -8.27 -20.24 -0.02
N PHE A 294 -7.43 -19.27 -0.39
CA PHE A 294 -5.98 -19.40 -0.21
C PHE A 294 -5.63 -18.86 1.18
N ASP A 295 -5.58 -19.76 2.16
CA ASP A 295 -5.39 -19.37 3.55
C ASP A 295 -3.91 -19.54 3.94
N SER A 296 -3.09 -18.66 3.37
CA SER A 296 -1.66 -18.56 3.70
C SER A 296 -0.96 -19.90 3.56
N GLY A 297 -0.78 -20.32 2.30
CA GLY A 297 -0.14 -21.56 1.97
C GLY A 297 -1.11 -22.73 1.80
N THR A 298 -2.20 -22.74 2.55
CA THR A 298 -3.21 -23.79 2.42
C THR A 298 -4.29 -23.36 1.45
N VAL A 299 -4.94 -24.34 0.83
CA VAL A 299 -5.99 -24.10 -0.16
C VAL A 299 -7.23 -24.89 0.26
N SER A 300 -8.40 -24.26 0.11
CA SER A 300 -9.67 -24.91 0.40
C SER A 300 -10.66 -24.56 -0.70
N LYS A 301 -11.75 -25.33 -0.74
CA LYS A 301 -12.81 -25.12 -1.73
C LYS A 301 -14.16 -25.28 -1.07
N THR A 302 -15.05 -24.31 -1.30
CA THR A 302 -16.41 -24.37 -0.78
C THR A 302 -17.33 -23.64 -1.75
N SER A 303 -18.58 -24.12 -1.82
CA SER A 303 -19.57 -23.47 -2.68
C SER A 303 -20.20 -22.27 -2.00
N ASP A 304 -20.28 -22.27 -0.67
CA ASP A 304 -20.83 -21.15 0.09
C ASP A 304 -19.90 -20.81 1.23
N TRP A 305 -19.95 -19.55 1.67
CA TRP A 305 -19.10 -19.09 2.76
C TRP A 305 -19.61 -17.77 3.33
N LYS A 306 -19.98 -17.77 4.62
CA LYS A 306 -20.32 -16.55 5.31
C LYS A 306 -19.06 -15.97 5.92
N CYS A 307 -18.66 -14.78 5.47
CA CYS A 307 -17.39 -14.19 5.85
C CYS A 307 -17.49 -12.68 5.86
N LYS A 308 -16.55 -12.06 6.55
CA LYS A 308 -16.45 -10.60 6.61
C LYS A 308 -15.55 -10.14 5.46
N VAL A 309 -16.17 -9.65 4.39
CA VAL A 309 -15.43 -9.29 3.19
C VAL A 309 -14.89 -7.87 3.33
N THR A 310 -13.63 -7.68 2.92
CA THR A 310 -12.99 -6.38 2.91
C THR A 310 -12.85 -5.85 1.48
N ASP A 311 -11.92 -6.39 0.71
CA ASP A 311 -11.72 -5.98 -0.67
C ASP A 311 -12.42 -6.95 -1.61
N VAL A 312 -12.92 -6.42 -2.73
CA VAL A 312 -13.55 -7.22 -3.77
C VAL A 312 -12.97 -6.78 -5.12
N LEU A 313 -12.69 -7.75 -5.99
CA LEU A 313 -12.13 -7.49 -7.31
C LEU A 313 -13.12 -7.94 -8.37
N PHE A 314 -13.53 -7.01 -9.23
CA PHE A 314 -14.46 -7.24 -10.31
C PHE A 314 -13.75 -7.20 -11.65
N PRO A 315 -14.32 -7.84 -12.69
CA PRO A 315 -13.70 -7.76 -14.02
C PRO A 315 -13.87 -6.38 -14.65
N GLY A 316 -13.63 -6.30 -15.96
CA GLY A 316 -13.71 -5.02 -16.63
C GLY A 316 -15.10 -4.41 -16.57
N GLN A 317 -15.13 -3.09 -16.47
CA GLN A 317 -16.39 -2.34 -16.41
C GLN A 317 -16.68 -1.71 -17.77
N LYS A 318 -17.95 -1.79 -18.17
CA LYS A 318 -18.44 -1.15 -19.39
C LYS A 318 -19.82 -0.59 -19.05
N TYR A 319 -19.90 0.71 -18.82
CA TYR A 319 -21.09 1.30 -18.25
C TYR A 319 -21.21 2.75 -18.69
N SER A 320 -22.45 3.19 -18.89
CA SER A 320 -22.73 4.56 -19.28
C SER A 320 -24.21 4.84 -19.06
N SER A 321 -24.53 6.12 -18.82
CA SER A 321 -25.91 6.54 -18.63
C SER A 321 -26.05 8.04 -18.84
N MET B 28 -10.25 27.93 4.90
CA MET B 28 -11.04 26.84 4.31
C MET B 28 -11.48 25.85 5.38
N ARG B 29 -12.74 25.43 5.31
CA ARG B 29 -13.31 24.49 6.26
C ARG B 29 -13.66 23.18 5.55
N ILE B 30 -13.24 22.06 6.13
CA ILE B 30 -13.56 20.74 5.62
C ILE B 30 -14.21 19.94 6.74
N PHE B 31 -14.74 18.77 6.38
CA PHE B 31 -15.41 17.88 7.32
C PHE B 31 -14.76 16.51 7.30
N VAL B 32 -14.70 15.88 8.46
CA VAL B 32 -14.11 14.55 8.61
C VAL B 32 -15.13 13.65 9.31
N GLU B 33 -15.41 12.50 8.70
CA GLU B 33 -16.31 11.52 9.29
C GLU B 33 -15.52 10.56 10.19
N LEU B 38 -20.92 10.13 12.96
CA LEU B 38 -20.19 11.23 13.59
C LEU B 38 -19.49 12.07 12.52
N THR B 39 -19.42 13.38 12.76
CA THR B 39 -18.81 14.30 11.81
C THR B 39 -18.24 15.50 12.58
N ILE B 40 -16.95 15.79 12.34
CA ILE B 40 -16.31 16.97 12.88
C ILE B 40 -15.89 17.85 11.71
N THR B 41 -15.51 19.09 12.03
CA THR B 41 -15.14 20.08 11.04
C THR B 41 -13.80 20.70 11.39
N LEU B 42 -12.95 20.89 10.39
CA LEU B 42 -11.60 21.37 10.57
C LEU B 42 -11.37 22.63 9.74
N GLU B 43 -10.68 23.60 10.34
CA GLU B 43 -10.20 24.77 9.62
C GLU B 43 -8.83 24.44 9.03
N VAL B 44 -8.74 24.42 7.70
CA VAL B 44 -7.56 23.92 7.01
C VAL B 44 -7.19 24.87 5.87
N GLU B 45 -5.97 24.70 5.36
CA GLU B 45 -5.49 25.41 4.19
C GLU B 45 -5.20 24.42 3.06
N PRO B 46 -5.40 24.82 1.81
CA PRO B 46 -5.20 23.88 0.69
C PRO B 46 -3.76 23.38 0.57
N SER B 47 -2.80 24.03 1.22
CA SER B 47 -1.40 23.61 1.16
C SER B 47 -1.04 22.60 2.24
N ASP B 48 -1.95 22.34 3.19
CA ASP B 48 -1.66 21.39 4.26
C ASP B 48 -1.52 19.98 3.71
N THR B 49 -0.58 19.22 4.27
CA THR B 49 -0.41 17.83 3.90
C THR B 49 -1.45 16.97 4.63
N ILE B 50 -1.55 15.71 4.19
CA ILE B 50 -2.46 14.78 4.84
C ILE B 50 -1.98 14.48 6.25
N GLU B 51 -0.66 14.42 6.46
CA GLU B 51 -0.13 14.26 7.80
C GLU B 51 -0.46 15.46 8.68
N ASN B 52 -0.51 16.66 8.10
CA ASN B 52 -0.94 17.83 8.85
C ASN B 52 -2.42 17.74 9.21
N VAL B 53 -3.24 17.15 8.33
CA VAL B 53 -4.65 16.94 8.65
C VAL B 53 -4.79 15.89 9.74
N LYS B 54 -4.04 14.78 9.62
CA LYS B 54 -4.10 13.75 10.66
C LYS B 54 -3.58 14.28 11.99
N ALA B 55 -2.69 15.26 11.96
CA ALA B 55 -2.21 15.85 13.21
C ALA B 55 -3.32 16.61 13.92
N LYS B 56 -4.07 17.42 13.17
CA LYS B 56 -5.18 18.16 13.75
C LYS B 56 -6.37 17.28 14.10
N ILE B 57 -6.39 16.03 13.63
CA ILE B 57 -7.42 15.09 14.06
C ILE B 57 -7.04 14.47 15.40
N GLN B 58 -5.75 14.21 15.61
CA GLN B 58 -5.30 13.68 16.89
C GLN B 58 -5.50 14.67 18.02
N ASP B 59 -5.36 15.97 17.74
CA ASP B 59 -5.61 16.97 18.77
C ASP B 59 -7.09 17.04 19.14
N LYS B 60 -7.97 16.66 18.22
CA LYS B 60 -9.40 16.70 18.48
C LYS B 60 -9.93 15.37 19.00
N GLU B 61 -9.81 14.31 18.22
CA GLU B 61 -10.39 13.02 18.58
C GLU B 61 -9.42 12.12 19.35
N GLY B 62 -8.12 12.38 19.25
CA GLY B 62 -7.14 11.57 19.96
C GLY B 62 -6.68 10.32 19.24
N ILE B 63 -7.05 10.14 17.98
CA ILE B 63 -6.65 8.96 17.24
C ILE B 63 -5.21 9.12 16.76
N PRO B 64 -4.34 8.14 17.00
CA PRO B 64 -2.96 8.24 16.52
C PRO B 64 -2.91 8.33 15.00
N PRO B 65 -2.06 9.22 14.46
CA PRO B 65 -2.01 9.37 12.99
C PRO B 65 -1.65 8.10 12.25
N ASP B 66 -0.96 7.16 12.88
CA ASP B 66 -0.64 5.89 12.21
C ASP B 66 -1.89 5.04 12.02
N GLN B 67 -2.87 5.17 12.91
CA GLN B 67 -4.11 4.41 12.83
C GLN B 67 -5.19 5.12 12.03
N GLN B 68 -4.87 6.26 11.41
CA GLN B 68 -5.85 7.04 10.66
C GLN B 68 -5.78 6.69 9.17
N ARG B 69 -6.93 6.32 8.61
CA ARG B 69 -7.09 6.15 7.17
C ARG B 69 -8.10 7.18 6.69
N LEU B 70 -7.63 8.16 5.93
CA LEU B 70 -8.50 9.21 5.39
C LEU B 70 -8.85 8.88 3.95
N ILE B 71 -10.15 8.88 3.65
CA ILE B 71 -10.66 8.53 2.34
C ILE B 71 -11.41 9.73 1.77
N PHE B 72 -11.11 10.09 0.52
CA PHE B 72 -11.80 11.16 -0.18
C PHE B 72 -12.06 10.68 -1.60
N PHE B 73 -13.34 10.64 -1.99
CA PHE B 73 -13.75 10.16 -3.31
C PHE B 73 -13.29 8.73 -3.56
N GLY B 74 -13.21 7.91 -2.50
CA GLY B 74 -12.77 6.54 -2.68
C GLY B 74 -11.28 6.38 -2.86
N GLN B 75 -10.50 7.42 -2.56
CA GLN B 75 -9.05 7.39 -2.74
C GLN B 75 -8.39 7.55 -1.38
N GLN B 76 -7.55 6.58 -1.01
CA GLN B 76 -6.82 6.66 0.24
C GLN B 76 -5.72 7.71 0.14
N LEU B 77 -5.70 8.63 1.10
CA LEU B 77 -4.81 9.78 1.05
C LEU B 77 -3.45 9.42 1.64
N GLU B 78 -2.38 9.81 0.93
CA GLU B 78 -1.02 9.56 1.36
C GLU B 78 -0.49 10.74 2.17
N ASP B 79 0.30 10.43 3.21
CA ASP B 79 0.75 11.46 4.13
C ASP B 79 1.61 12.52 3.45
N GLY B 80 2.39 12.13 2.43
CA GLY B 80 3.28 13.08 1.79
C GLY B 80 2.57 14.13 0.97
N ARG B 81 1.47 13.76 0.32
CA ARG B 81 0.76 14.68 -0.56
C ARG B 81 -0.03 15.70 0.26
N THR B 82 -0.41 16.78 -0.41
CA THR B 82 -1.20 17.85 0.19
C THR B 82 -2.66 17.74 -0.24
N LEU B 83 -3.49 18.60 0.33
CA LEU B 83 -4.90 18.65 -0.05
C LEU B 83 -5.08 19.16 -1.47
N SER B 84 -4.09 19.88 -2.02
CA SER B 84 -4.18 20.37 -3.38
C SER B 84 -4.04 19.24 -4.39
N ASP B 85 -3.23 18.22 -4.06
CA ASP B 85 -3.01 17.11 -4.99
C ASP B 85 -4.30 16.32 -5.20
N TYR B 86 -5.06 16.10 -4.13
CA TYR B 86 -6.34 15.41 -4.22
C TYR B 86 -7.49 16.35 -4.52
N ASN B 87 -7.20 17.62 -4.81
CA ASN B 87 -8.21 18.63 -5.15
C ASN B 87 -9.25 18.77 -4.02
N ILE B 88 -8.78 18.71 -2.78
CA ILE B 88 -9.64 18.92 -1.62
C ILE B 88 -10.06 20.39 -1.62
N VAL B 89 -11.35 20.64 -1.83
CA VAL B 89 -11.85 22.01 -1.94
C VAL B 89 -12.66 22.36 -0.70
N LYS B 90 -13.41 23.45 -0.77
CA LYS B 90 -14.19 23.90 0.37
C LYS B 90 -15.33 22.94 0.66
N TYR B 91 -15.55 22.68 1.95
CA TYR B 91 -16.62 21.79 2.43
C TYR B 91 -16.49 20.38 1.86
N SER B 92 -15.27 19.92 1.66
CA SER B 92 -15.03 18.54 1.25
C SER B 92 -15.13 17.62 2.46
N THR B 93 -15.63 16.41 2.22
CA THR B 93 -15.84 15.43 3.28
C THR B 93 -14.79 14.34 3.17
N LEU B 94 -14.03 14.15 4.24
CA LEU B 94 -13.04 13.09 4.34
C LEU B 94 -13.56 12.01 5.27
N HIS B 95 -13.55 10.77 4.80
CA HIS B 95 -14.00 9.64 5.61
C HIS B 95 -12.82 9.05 6.37
N LEU B 96 -13.09 8.63 7.61
CA LEU B 96 -12.05 8.16 8.53
C LEU B 96 -12.28 6.69 8.84
N ILE B 97 -11.25 5.88 8.61
CA ILE B 97 -11.26 4.45 8.94
C ILE B 97 -10.05 4.17 9.81
N LEU B 98 -10.22 3.30 10.81
CA LEU B 98 -9.12 2.93 11.67
C LEU B 98 -8.30 1.81 11.05
N ARG B 99 -6.99 1.84 11.30
CA ARG B 99 -6.11 0.77 10.83
C ARG B 99 -6.42 -0.51 11.59
N LEU B 100 -6.55 -1.62 10.87
CA LEU B 100 -6.84 -2.86 11.57
C LEU B 100 -5.54 -3.52 12.04
N PRO B 101 -5.51 -4.12 13.24
CA PRO B 101 -6.64 -4.17 14.17
C PRO B 101 -6.81 -2.88 14.97
N ARG B 102 -8.06 -2.54 15.28
CA ARG B 102 -8.35 -1.33 16.04
C ARG B 102 -8.18 -1.55 17.54
ZN ZN C . -23.58 24.67 -5.15
CAC FLC D . -14.71 -22.56 4.08
CA FLC D . -13.29 -22.29 3.60
CB FLC D . -12.33 -22.24 4.79
CBC FLC D . -12.00 -23.67 5.23
CG FLC D . -11.05 -21.52 4.39
CGC FLC D . -10.09 -21.45 5.57
OA1 FLC D . -15.03 -23.71 4.50
OA2 FLC D . -15.57 -21.64 4.05
OB1 FLC D . -12.15 -24.63 4.42
OB2 FLC D . -11.61 -23.90 6.41
OG1 FLC D . -9.05 -22.17 5.59
OG2 FLC D . -10.33 -20.66 6.52
OHB FLC D . -12.94 -21.55 5.85
CAC FLC E . 15.72 -5.77 -11.11
CA FLC E . 16.62 -4.75 -10.44
CB FLC E . 18.09 -5.07 -10.69
CBC FLC E . 18.87 -3.77 -10.82
CG FLC E . 18.62 -5.86 -9.51
CGC FLC E . 19.67 -6.86 -10.00
OA1 FLC E . 15.72 -6.97 -10.71
OA2 FLC E . 14.97 -5.43 -12.07
OB1 FLC E . 20.00 -3.66 -10.29
OB2 FLC E . 18.37 -2.79 -11.46
OG1 FLC E . 20.90 -6.58 -9.90
OG2 FLC E . 19.33 -7.97 -10.48
OHB FLC E . 18.21 -5.82 -11.87
CL CL F . 8.35 6.15 3.99
CL CL G . -0.94 -15.62 -9.64
CL CL H . -29.64 22.30 -12.10
CL CL I . 10.08 -15.04 0.59
#